data_5JJF
#
_entry.id   5JJF
#
_cell.length_a   49.558
_cell.length_b   113.779
_cell.length_c   125.387
_cell.angle_alpha   90.00
_cell.angle_beta   90.00
_cell.angle_gamma   90.00
#
_symmetry.space_group_name_H-M   'I 21 21 21'
#
loop_
_entity.id
_entity.type
_entity.pdbx_description
1 polymer 'Sensory rhodopsin-2'
2 polymer 'Sensory rhodopsin II transducer'
3 non-polymer RETINAL
4 non-polymer 'octyl beta-D-glucopyranoside'
5 non-polymer EICOSANE
6 water water
#
loop_
_entity_poly.entity_id
_entity_poly.type
_entity_poly.pdbx_seq_one_letter_code
_entity_poly.pdbx_strand_id
1 'polypeptide(L)'
;VGLTTLFWLGAIGMLVGTLAFAWAGRDAGSGERRYYVTLVGISGIAAVAYVVMALGVGWVPVAERTVFAPRYIDWILTTP
LIVYFLGLLAGLDSREFGIVITLNTVVMLAGFAGAMVPGIERYALFGMGAVAFLGLVYYLVGPMTESASQRSSGIKSLYV
RLRNLTVILWAIYPFIWLLGPPGVALLTPTVDVALIVYLDLVTKVGFGFIALDAAATLRAEHGESLAGVDTDAPAVADEN
SHHHHHHH
;
A
2 'polypeptide(L)'
;AVSRLLLPSRVRHSYTGKMGAVFIFVGALTVLFGAIAYGEVTAAAATGDAAAVQEAAVSAILGLIILLGINLGLVAATLG
GDTAASLSTLAAKASRMGDGDLDVELETRREDEIGDLYAAFDEMRQSVRTSLEDAKNAREDAEQAQKRAEEINTNSHHHH
HHH
;
B
#
# COMPACT_ATOMS: atom_id res chain seq x y z
N VAL A 1 -18.62 -11.36 -2.57
N VAL A 1 -18.99 -11.41 -2.58
CA VAL A 1 -18.15 -10.01 -2.88
CA VAL A 1 -18.58 -10.06 -2.96
C VAL A 1 -17.40 -10.11 -4.18
C VAL A 1 -17.97 -10.08 -4.36
N GLY A 2 -17.70 -9.23 -5.13
N GLY A 2 -18.18 -8.99 -5.10
CA GLY A 2 -17.05 -9.22 -6.43
CA GLY A 2 -17.62 -8.89 -6.45
C GLY A 2 -15.84 -8.31 -6.41
C GLY A 2 -16.40 -8.00 -6.46
N LEU A 3 -15.01 -8.41 -7.45
N LEU A 3 -15.59 -8.11 -7.52
CA LEU A 3 -13.83 -7.55 -7.54
CA LEU A 3 -14.40 -7.28 -7.63
C LEU A 3 -14.23 -6.09 -7.57
C LEU A 3 -14.79 -5.81 -7.61
N THR A 4 -15.27 -5.77 -8.35
N THR A 4 -15.77 -5.45 -8.43
CA THR A 4 -15.64 -4.37 -8.54
CA THR A 4 -16.14 -4.03 -8.55
C THR A 4 -16.12 -3.80 -7.21
C THR A 4 -16.61 -3.52 -7.21
N THR A 5 -16.75 -4.62 -6.38
N THR A 5 -17.25 -4.37 -6.41
CA THR A 5 -17.14 -4.17 -5.06
CA THR A 5 -17.70 -3.92 -5.09
C THR A 5 -15.91 -3.79 -4.23
C THR A 5 -16.48 -3.60 -4.22
N LEU A 6 -14.89 -4.63 -4.27
N LEU A 6 -15.44 -4.40 -4.34
CA LEU A 6 -13.66 -4.34 -3.55
CA LEU A 6 -14.21 -4.13 -3.58
C LEU A 6 -13.00 -3.06 -4.07
C LEU A 6 -13.58 -2.84 -4.09
N PHE A 7 -12.98 -2.90 -5.39
N PHE A 7 -13.54 -2.69 -5.41
CA PHE A 7 -12.39 -1.70 -5.99
CA PHE A 7 -13.00 -1.48 -6.02
C PHE A 7 -13.12 -0.45 -5.54
C PHE A 7 -13.75 -0.24 -5.52
N TRP A 8 -14.45 -0.54 -5.44
N TRP A 8 -15.07 -0.32 -5.45
CA TRP A 8 -15.27 0.58 -4.95
CA TRP A 8 -15.87 0.80 -4.91
C TRP A 8 -14.95 0.90 -3.49
C TRP A 8 -15.55 1.12 -3.45
N LEU A 9 -14.72 -0.15 -2.70
N LEU A 9 -15.33 0.08 -2.65
CA LEU A 9 -14.33 0.06 -1.30
CA LEU A 9 -14.93 0.30 -1.27
C LEU A 9 -12.98 0.78 -1.22
C LEU A 9 -13.57 0.97 -1.23
N GLY A 10 -12.05 0.37 -2.08
N GLY A 10 -12.65 0.50 -2.07
CA GLY A 10 -10.77 1.07 -2.15
CA GLY A 10 -11.34 1.10 -2.16
C GLY A 10 -10.95 2.53 -2.51
C GLY A 10 -11.47 2.58 -2.52
N ALA A 11 -11.81 2.82 -3.49
N ALA A 11 -12.29 2.88 -3.51
CA ALA A 11 -11.99 4.19 -3.95
CA ALA A 11 -12.44 4.28 -3.93
C ALA A 11 -12.58 5.05 -2.84
C ALA A 11 -13.10 5.14 -2.85
N ILE A 12 -13.58 4.52 -2.14
N ILE A 12 -14.14 4.65 -2.19
CA ILE A 12 -14.22 5.25 -1.06
CA ILE A 12 -14.74 5.44 -1.12
C ILE A 12 -13.25 5.51 0.10
C ILE A 12 -13.76 5.70 0.03
N GLY A 13 -12.50 4.49 0.51
N GLY A 13 -12.99 4.67 0.40
CA GLY A 13 -11.49 4.66 1.54
CA GLY A 13 -11.98 4.79 1.44
C GLY A 13 -10.49 5.74 1.20
C GLY A 13 -10.95 5.85 1.15
N MET A 14 -10.02 5.74 -0.04
N MET A 14 -10.43 5.87 -0.08
CA MET A 14 -9.07 6.75 -0.50
CA MET A 14 -9.49 6.90 -0.51
C MET A 14 -9.70 8.15 -0.54
C MET A 14 -10.15 8.28 -0.53
N LEU A 15 -10.97 8.23 -0.92
N LEU A 15 -11.41 8.35 -0.94
CA LEU A 15 -11.66 9.50 -0.96
CA LEU A 15 -12.12 9.63 -0.93
C LEU A 15 -11.80 10.06 0.46
C LEU A 15 -12.26 10.15 0.51
N VAL A 16 -12.15 9.20 1.40
N VAL A 16 -12.62 9.27 1.43
CA VAL A 16 -12.30 9.62 2.79
CA VAL A 16 -12.74 9.70 2.83
C VAL A 16 -10.99 10.21 3.31
C VAL A 16 -11.41 10.30 3.30
N GLY A 17 -9.89 9.52 3.02
N GLY A 17 -10.32 9.64 2.95
CA GLY A 17 -8.57 10.04 3.37
CA GLY A 17 -9.00 10.14 3.30
C GLY A 17 -8.32 11.39 2.72
C GLY A 17 -8.70 11.49 2.65
N THR A 18 -8.63 11.50 1.43
N THR A 18 -9.01 11.62 1.36
CA THR A 18 -8.33 12.71 0.68
CA THR A 18 -8.76 12.88 0.67
C THR A 18 -9.08 13.90 1.26
C THR A 18 -9.48 14.06 1.35
N LEU A 19 -10.35 13.70 1.56
N LEU A 19 -10.76 13.84 1.65
CA LEU A 19 -11.16 14.74 2.18
CA LEU A 19 -11.57 14.84 2.33
C LEU A 19 -10.58 15.12 3.54
C LEU A 19 -10.96 15.22 3.67
N ALA A 20 -10.16 14.12 4.32
N ALA A 20 -10.58 14.20 4.44
CA ALA A 20 -9.59 14.38 5.64
CA ALA A 20 -9.98 14.45 5.75
C ALA A 20 -8.29 15.19 5.53
C ALA A 20 -8.67 15.22 5.62
N PHE A 21 -7.42 14.81 4.59
N PHE A 21 -7.85 14.88 4.62
CA PHE A 21 -6.13 15.49 4.42
CA PHE A 21 -6.58 15.58 4.42
C PHE A 21 -6.29 16.92 3.91
C PHE A 21 -6.78 17.01 3.95
N ALA A 22 -7.22 17.10 2.96
N ALA A 22 -7.77 17.19 3.09
CA ALA A 22 -7.52 18.43 2.45
CA ALA A 22 -8.12 18.53 2.62
C ALA A 22 -8.01 19.36 3.57
C ALA A 22 -8.60 19.35 3.81
N TRP A 23 -8.97 18.89 4.35
N TRP A 23 -9.54 18.81 4.57
CA TRP A 23 -9.57 19.72 5.38
CA TRP A 23 -10.13 19.60 5.65
C TRP A 23 -8.62 20.01 6.55
C TRP A 23 -9.17 19.83 6.81
N ALA A 24 -7.83 19.01 6.94
N ALA A 24 -8.37 18.81 7.16
CA ALA A 24 -6.84 19.18 7.99
CA ALA A 24 -7.35 18.99 8.19
C ALA A 24 -5.82 20.24 7.58
C ALA A 24 -6.34 20.04 7.78
N GLY A 25 -5.53 20.29 6.29
N GLY A 25 -6.08 20.15 6.48
CA GLY A 25 -4.55 21.21 5.77
CA GLY A 25 -5.07 21.06 5.97
C GLY A 25 -5.01 22.64 5.68
C GLY A 25 -5.49 22.53 5.86
N ARG A 26 -6.30 22.89 5.87
N ARG A 26 -6.78 22.81 6.00
CA ARG A 26 -6.84 24.22 5.75
CA ARG A 26 -7.27 24.18 5.81
C ARG A 26 -6.20 25.04 6.86
C ARG A 26 -6.63 25.12 6.84
N ASP A 27 -5.94 24.40 7.97
N ASP A 27 -6.21 24.54 7.96
CA ASP A 27 -5.08 24.90 9.02
CA ASP A 27 -5.39 25.22 8.94
C ASP A 27 -3.63 24.58 8.79
C ASP A 27 -3.92 24.91 8.67
N ALA A 28 -3.01 25.28 7.85
N ALA A 28 -3.35 25.54 7.64
CA ALA A 28 -1.59 25.03 7.61
CA ALA A 28 -1.94 25.35 7.37
C ALA A 28 -0.86 26.26 7.07
C ALA A 28 -1.27 26.62 6.84
N GLY A 29 0.31 26.54 7.65
N GLY A 29 -0.17 26.98 7.48
CA GLY A 29 1.14 27.62 7.21
CA GLY A 29 0.65 28.09 7.03
C GLY A 29 2.10 27.19 6.13
C GLY A 29 1.64 27.62 6.00
N SER A 30 2.96 28.12 5.69
N SER A 30 2.50 28.53 5.55
CA SER A 30 3.89 27.88 4.59
CA SER A 30 3.44 28.25 4.47
C SER A 30 4.76 26.65 4.77
C SER A 30 4.26 26.97 4.67
N GLY A 31 5.10 26.36 6.02
N GLY A 31 4.58 26.67 5.92
CA GLY A 31 6.00 25.25 6.32
CA GLY A 31 5.47 25.56 6.25
C GLY A 31 5.35 23.89 6.25
C GLY A 31 4.88 24.16 6.25
N GLU A 32 4.04 23.83 6.49
N GLU A 32 3.58 24.03 6.52
CA GLU A 32 3.33 22.55 6.55
CA GLU A 32 2.96 22.72 6.58
C GLU A 32 2.52 22.23 5.29
C GLU A 32 2.10 22.41 5.36
N ARG A 33 2.22 23.25 4.49
N ARG A 33 1.86 23.43 4.52
CA ARG A 33 1.37 23.13 3.31
CA ARG A 33 0.97 23.29 3.35
C ARG A 33 1.76 22.01 2.34
C ARG A 33 1.37 22.17 2.39
N ARG A 34 3.03 21.92 2.04
N ARG A 34 2.63 22.17 1.99
CA ARG A 34 3.49 20.92 1.07
CA ARG A 34 3.10 21.21 0.98
C ARG A 34 3.25 19.49 1.51
C ARG A 34 2.91 19.76 1.41
N TYR A 35 3.30 19.25 2.83
N TYR A 35 2.96 19.49 2.71
CA TYR A 35 3.01 17.92 3.36
CA TYR A 35 2.68 18.16 3.26
C TYR A 35 1.54 17.51 3.14
C TYR A 35 1.20 17.77 3.10
N TYR A 36 0.63 18.44 3.44
N TYR A 36 0.30 18.69 3.46
CA TYR A 36 -0.80 18.17 3.26
CA TYR A 36 -1.12 18.40 3.31
C TYR A 36 -1.13 17.98 1.78
C TYR A 36 -1.51 18.21 1.85
N VAL A 37 -0.59 18.85 0.94
N VAL A 37 -0.97 19.05 0.97
CA VAL A 37 -0.79 18.73 -0.50
CA VAL A 37 -1.27 18.92 -0.46
C VAL A 37 -0.26 17.37 -1.02
C VAL A 37 -0.78 17.57 -1.01
N THR A 38 0.89 16.97 -0.50
N THR A 38 0.41 17.17 -0.58
CA THR A 38 1.45 15.67 -0.91
CA THR A 38 0.97 15.89 -1.00
C THR A 38 0.51 14.51 -0.54
C THR A 38 0.06 14.72 -0.63
N LEU A 39 -0.07 14.56 0.66
N LEU A 39 -0.47 14.74 0.59
CA LEU A 39 -1.01 13.53 1.10
CA LEU A 39 -1.42 13.72 1.04
C LEU A 39 -2.27 13.50 0.22
C LEU A 39 -2.73 13.74 0.25
N VAL A 40 -2.77 14.69 -0.13
N VAL A 40 -3.23 14.94 -0.07
CA VAL A 40 -3.92 14.79 -1.06
CA VAL A 40 -4.43 15.03 -0.92
C VAL A 40 -3.63 14.16 -2.42
C VAL A 40 -4.18 14.42 -2.30
N GLY A 41 -2.43 14.40 -2.94
N GLY A 41 -3.00 14.68 -2.85
CA GLY A 41 -2.05 13.80 -4.22
CA GLY A 41 -2.65 14.13 -4.16
C GLY A 41 -2.01 12.29 -4.11
C GLY A 41 -2.53 12.61 -4.12
N ILE A 42 -1.42 11.81 -3.02
N ILE A 42 -1.85 12.10 -3.11
CA ILE A 42 -1.25 10.37 -2.81
CA ILE A 42 -1.71 10.65 -2.96
C ILE A 42 -2.58 9.63 -2.79
C ILE A 42 -3.04 9.90 -2.95
N SER A 43 -3.49 10.07 -1.93
N SER A 43 -3.92 10.28 -2.01
CA SER A 43 -4.79 9.40 -1.83
CA SER A 43 -5.23 9.63 -1.92
C SER A 43 -5.74 9.75 -2.98
C SER A 43 -6.17 9.97 -3.11
N GLY A 44 -5.60 10.95 -3.54
N GLY A 44 -6.13 11.20 -3.58
CA GLY A 44 -6.44 11.35 -4.65
CA GLY A 44 -6.98 11.58 -4.71
C GLY A 44 -6.17 10.51 -5.89
C GLY A 44 -6.66 10.82 -5.99
N ILE A 45 -4.89 10.35 -6.22
N ILE A 45 -5.36 10.59 -6.22
CA ILE A 45 -4.50 9.52 -7.35
CA ILE A 45 -4.96 9.78 -7.36
C ILE A 45 -4.97 8.08 -7.16
C ILE A 45 -5.51 8.38 -7.17
N ALA A 46 -4.81 7.58 -5.93
N ALA A 46 -5.37 7.85 -5.97
CA ALA A 46 -5.23 6.21 -5.62
CA ALA A 46 -5.80 6.48 -5.68
C ALA A 46 -6.74 6.07 -5.74
C ALA A 46 -7.32 6.34 -5.73
N ALA A 47 -7.47 7.09 -5.28
N ALA A 47 -8.04 7.34 -5.24
CA ALA A 47 -8.93 7.07 -5.38
CA ALA A 47 -9.50 7.33 -5.38
C ALA A 47 -9.38 6.95 -6.84
C ALA A 47 -9.92 7.21 -6.85
N VAL A 48 -8.75 7.71 -7.71
N VAL A 48 -9.27 7.98 -7.72
CA VAL A 48 -9.11 7.68 -9.13
CA VAL A 48 -9.59 7.95 -9.15
C VAL A 48 -8.75 6.34 -9.77
C VAL A 48 -9.15 6.64 -9.76
N ALA A 49 -7.55 5.83 -9.47
N ALA A 49 -7.97 6.17 -9.36
CA ALA A 49 -7.14 4.52 -9.96
CA ALA A 49 -7.51 4.88 -9.85
C ALA A 49 -8.13 3.43 -9.57
C ALA A 49 -8.49 3.76 -9.47
N TYR A 50 -8.59 3.45 -8.32
N TYR A 50 -9.00 3.77 -8.24
CA TYR A 50 -9.58 2.48 -7.85
CA TYR A 50 -9.99 2.76 -7.84
C TYR A 50 -10.91 2.62 -8.58
C TYR A 50 -11.34 2.91 -8.54
N VAL A 51 -11.34 3.86 -8.85
N VAL A 51 -11.73 4.15 -8.83
CA VAL A 51 -12.54 4.09 -9.64
CA VAL A 51 -12.96 4.36 -9.61
C VAL A 51 -12.39 3.48 -11.03
C VAL A 51 -12.83 3.76 -11.01
N VAL A 52 -11.23 3.68 -11.63
N VAL A 52 -11.67 3.99 -11.63
CA VAL A 52 -10.96 3.16 -12.97
CA VAL A 52 -11.37 3.44 -12.94
C VAL A 52 -11.10 1.64 -13.01
C VAL A 52 -11.53 1.93 -12.93
N MET A 53 -10.56 0.96 -12.00
N MET A 53 -11.01 1.28 -11.89
CA MET A 53 -10.68 -0.49 -11.92
CA MET A 53 -11.18 -0.16 -11.76
C MET A 53 -12.09 -0.93 -11.60
C MET A 53 -12.61 -0.54 -11.46
N ALA A 54 -12.76 -0.21 -10.69
N ALA A 54 -13.27 0.22 -10.59
CA ALA A 54 -14.16 -0.49 -10.37
CA ALA A 54 -14.66 -0.10 -10.27
C ALA A 54 -15.07 -0.37 -11.59
C ALA A 54 -15.57 0.00 -11.50
N LEU A 55 -14.74 0.57 -12.46
N LEU A 55 -15.25 0.92 -12.41
CA LEU A 55 -15.52 0.77 -13.70
CA LEU A 55 -16.02 1.06 -13.65
C LEU A 55 -15.12 -0.22 -14.77
C LEU A 55 -15.57 0.10 -14.74
N GLY A 56 -14.22 -1.14 -14.45
N GLY A 56 -14.71 -0.85 -14.37
CA GLY A 56 -13.95 -2.27 -15.32
CA GLY A 56 -14.44 -1.97 -15.26
C GLY A 56 -12.90 -1.98 -16.36
C GLY A 56 -13.40 -1.67 -16.32
N VAL A 57 -12.14 -0.91 -16.15
N VAL A 57 -12.63 -0.61 -16.09
CA VAL A 57 -11.13 -0.48 -17.10
CA VAL A 57 -11.62 -0.22 -17.07
C VAL A 57 -9.73 -0.84 -16.63
C VAL A 57 -10.23 -0.61 -16.61
N GLY A 58 -8.87 -1.23 -17.57
N GLY A 58 -9.38 -0.96 -17.57
CA GLY A 58 -7.50 -1.59 -17.24
CA GLY A 58 -8.00 -1.29 -17.30
C GLY A 58 -7.30 -3.01 -16.73
C GLY A 58 -7.78 -2.70 -16.83
N TRP A 59 -8.30 -3.87 -16.91
N TRP A 59 -8.81 -3.54 -16.92
CA TRP A 59 -8.14 -5.27 -16.52
CA TRP A 59 -8.66 -4.95 -16.56
C TRP A 59 -7.44 -6.00 -17.67
C TRP A 59 -8.00 -5.68 -17.73
N VAL A 60 -6.15 -6.26 -17.54
N VAL A 60 -6.70 -5.91 -17.63
CA VAL A 60 -5.38 -6.76 -18.69
CA VAL A 60 -5.96 -6.42 -18.78
C VAL A 60 -5.17 -8.27 -18.65
C VAL A 60 -5.78 -7.94 -18.72
N PRO A 61 -5.71 -8.99 -19.66
N PRO A 61 -6.23 -8.64 -19.76
CA PRO A 61 -5.45 -10.43 -19.68
CA PRO A 61 -5.93 -10.06 -19.78
C PRO A 61 -4.00 -10.72 -19.99
C PRO A 61 -4.48 -10.28 -20.17
N VAL A 62 -3.38 -11.56 -19.18
N VAL A 62 -3.79 -11.14 -19.45
CA VAL A 62 -2.00 -11.95 -19.38
CA VAL A 62 -2.42 -11.52 -19.75
C VAL A 62 -1.96 -13.45 -19.20
C VAL A 62 -2.38 -13.02 -19.54
N ALA A 63 -1.69 -14.16 -20.28
N ALA A 63 -2.23 -13.76 -20.64
CA ALA A 63 -1.74 -15.61 -20.27
CA ALA A 63 -2.40 -15.21 -20.62
C ALA A 63 -3.08 -16.06 -19.68
C ALA A 63 -3.75 -15.53 -20.01
N GLU A 64 -3.04 -16.82 -18.58
N GLU A 64 -3.76 -16.38 -18.98
CA GLU A 64 -4.26 -17.28 -17.93
CA GLU A 64 -5.00 -16.79 -18.35
C GLU A 64 -4.57 -16.48 -16.65
C GLU A 64 -5.42 -15.91 -17.16
N ARG A 65 -4.14 -15.23 -16.61
N ARG A 65 -4.60 -14.91 -16.84
CA ARG A 65 -4.45 -14.40 -15.46
CA ARG A 65 -4.88 -14.03 -15.71
C ARG A 65 -4.87 -12.99 -15.86
C ARG A 65 -5.42 -12.64 -16.12
N THR A 66 -5.29 -12.21 -14.88
N THR A 66 -5.84 -11.86 -15.13
CA THR A 66 -5.68 -10.83 -15.10
CA THR A 66 -6.27 -10.49 -15.33
C THR A 66 -4.82 -9.92 -14.25
C THR A 66 -5.41 -9.59 -14.47
N VAL A 67 -4.17 -8.97 -14.91
N VAL A 67 -4.68 -8.69 -15.12
CA VAL A 67 -3.31 -7.98 -14.24
CA VAL A 67 -3.83 -7.72 -14.43
C VAL A 67 -3.99 -6.63 -14.30
C VAL A 67 -4.58 -6.40 -14.35
N PHE A 68 -3.91 -5.86 -13.22
N PHE A 68 -4.56 -5.76 -13.19
CA PHE A 68 -4.59 -4.56 -13.20
CA PHE A 68 -5.28 -4.49 -13.09
C PHE A 68 -3.60 -3.46 -13.45
C PHE A 68 -4.36 -3.31 -13.35
N ALA A 69 -3.56 -2.99 -14.70
N ALA A 69 -4.37 -2.84 -14.59
CA ALA A 69 -2.70 -1.88 -15.07
CA ALA A 69 -3.50 -1.74 -14.99
C ALA A 69 -2.86 -0.65 -14.14
C ALA A 69 -3.55 -0.52 -14.05
N PRO A 70 -4.11 -0.27 -13.78
N PRO A 70 -4.77 -0.02 -13.72
CA PRO A 70 -4.18 0.95 -12.97
CA PRO A 70 -4.79 1.16 -12.85
C PRO A 70 -3.54 0.78 -11.59
C PRO A 70 -4.20 0.95 -11.45
N ARG A 71 -3.49 -0.43 -11.06
N ARG A 71 -4.05 -0.30 -11.00
CA ARG A 71 -2.81 -0.68 -9.78
CA ARG A 71 -3.36 -0.57 -9.72
C ARG A 71 -1.36 -0.24 -9.88
C ARG A 71 -1.91 -0.14 -9.78
N TYR A 72 -0.68 -0.73 -10.92
N TYR A 72 -1.24 -0.50 -10.87
CA TYR A 72 0.75 -0.46 -11.07
CA TYR A 72 0.20 -0.30 -11.00
C TYR A 72 1.01 0.98 -11.47
C TYR A 72 0.52 1.11 -11.41
N ILE A 73 0.09 1.56 -12.24
N ILE A 73 -0.36 1.68 -12.21
CA ILE A 73 0.22 2.97 -12.64
CA ILE A 73 -0.23 3.09 -12.57
C ILE A 73 0.03 3.88 -11.42
C ILE A 73 -0.47 3.96 -11.34
N ASP A 74 -0.96 3.58 -10.58
N ASP A 74 -1.42 3.57 -10.49
CA ASP A 74 -1.12 4.24 -9.29
CA ASP A 74 -1.61 4.26 -9.20
C ASP A 74 0.22 4.21 -8.54
C ASP A 74 -0.31 4.29 -8.39
N TRP A 75 0.81 3.03 -8.39
N TRP A 75 0.32 3.14 -8.21
CA TRP A 75 2.02 2.91 -7.56
CA TRP A 75 1.61 3.10 -7.50
C TRP A 75 3.16 3.72 -8.13
C TRP A 75 2.68 3.93 -8.18
N ILE A 76 3.29 3.70 -9.45
N ILE A 76 2.73 3.90 -9.51
CA ILE A 76 4.35 4.48 -10.11
CA ILE A 76 3.74 4.68 -10.24
C ILE A 76 4.22 5.97 -9.79
C ILE A 76 3.60 6.18 -9.93
N LEU A 77 3.00 6.45 -9.62
N LEU A 77 2.37 6.65 -9.76
CA LEU A 77 2.75 7.87 -9.37
CA LEU A 77 2.17 8.09 -9.51
C LEU A 77 2.75 8.24 -7.89
C LEU A 77 2.17 8.51 -8.04
N THR A 78 2.28 7.33 -7.04
N THR A 78 1.79 7.62 -7.13
CA THR A 78 2.06 7.67 -5.64
CA THR A 78 1.70 8.03 -5.73
C THR A 78 3.21 7.30 -4.72
C THR A 78 2.95 7.79 -4.91
N THR A 79 3.86 6.17 -4.97
N THR A 79 3.70 6.73 -5.22
CA THR A 79 5.02 5.80 -4.14
CA THR A 79 4.90 6.42 -4.45
C THR A 79 6.16 6.84 -4.19
C THR A 79 6.01 7.50 -4.54
N PRO A 80 6.43 7.45 -5.36
N PRO A 80 6.15 8.18 -5.70
CA PRO A 80 7.46 8.49 -5.21
CA PRO A 80 7.08 9.33 -5.62
C PRO A 80 6.99 9.69 -4.38
C PRO A 80 6.59 10.44 -4.71
N LEU A 81 5.68 9.94 -4.34
N LEU A 81 5.28 10.63 -4.59
CA LEU A 81 5.16 10.99 -3.46
CA LEU A 81 4.73 11.59 -3.62
C LEU A 81 5.31 10.62 -1.98
C LEU A 81 4.96 11.16 -2.17
N ILE A 82 5.15 9.34 -1.66
N ILE A 82 4.78 9.87 -1.88
CA ILE A 82 5.39 8.88 -0.28
CA ILE A 82 5.12 9.35 -0.55
C ILE A 82 6.86 9.00 0.08
C ILE A 82 6.60 9.49 -0.24
N VAL A 83 7.73 8.59 -0.84
N VAL A 83 7.44 9.15 -1.22
CA VAL A 83 9.17 8.72 -0.65
CA VAL A 83 8.89 9.32 -1.08
C VAL A 83 9.55 10.20 -0.49
C VAL A 83 9.27 10.80 -0.91
N TYR A 84 8.92 11.04 -1.30
N TYR A 84 8.59 11.66 -1.65
CA TYR A 84 9.10 12.50 -1.20
CA TYR A 84 8.78 13.10 -1.54
C TYR A 84 8.71 13.04 0.18
C TYR A 84 8.47 13.59 -0.12
N PHE A 85 7.54 12.64 0.66
N PHE A 85 7.33 13.16 0.39
CA PHE A 85 7.08 13.05 1.99
CA PHE A 85 6.87 13.49 1.74
C PHE A 85 8.10 12.67 3.08
C PHE A 85 7.88 13.04 2.79
N LEU A 86 8.61 11.44 2.98
N LEU A 86 8.42 11.83 2.62
CA LEU A 86 9.60 10.92 3.93
CA LEU A 86 9.42 11.32 3.54
C LEU A 86 10.90 11.70 3.83
C LEU A 86 10.74 12.10 3.45
N GLY A 87 11.30 12.01 2.60
N GLY A 87 11.11 12.47 2.22
CA GLY A 87 12.53 12.74 2.35
CA GLY A 87 12.33 13.22 2.00
C GLY A 87 12.46 14.18 2.86
C GLY A 87 12.28 14.65 2.55
N LEU A 88 11.28 14.78 2.78
N LEU A 88 11.10 15.25 2.52
CA LEU A 88 11.07 16.11 3.35
CA LEU A 88 10.89 16.58 3.10
C LEU A 88 11.25 16.06 4.85
C LEU A 88 11.06 16.50 4.60
N LEU A 89 10.66 15.06 5.49
N LEU A 89 10.37 15.54 5.21
CA LEU A 89 10.82 14.93 6.93
CA LEU A 89 10.52 15.30 6.65
C LEU A 89 12.29 14.71 7.25
C LEU A 89 11.97 15.09 7.02
N ALA A 90 12.95 13.87 6.46
N ALA A 90 12.68 14.32 6.20
CA ALA A 90 14.35 13.56 6.73
CA ALA A 90 14.06 13.99 6.52
C ALA A 90 15.29 14.75 6.50
C ALA A 90 15.03 15.12 6.22
N GLY A 91 14.88 15.67 5.64
N GLY A 91 14.59 16.10 5.45
CA GLY A 91 15.69 16.84 5.35
CA GLY A 91 15.44 17.23 5.12
C GLY A 91 16.70 16.55 4.25
C GLY A 91 16.39 16.93 3.98
N LEU A 92 16.28 15.77 3.27
N LEU A 92 15.89 16.30 2.92
CA LEU A 92 17.15 15.44 2.14
CA LEU A 92 16.72 15.97 1.77
C LEU A 92 17.40 16.60 1.19
C LEU A 92 16.92 17.16 0.84
N ASP A 93 18.51 16.57 0.49
N ASP A 93 18.05 17.18 0.15
CA ASP A 93 18.80 17.50 -0.60
CA ASP A 93 18.27 18.16 -0.93
C ASP A 93 18.44 16.88 -1.93
C ASP A 93 17.81 17.56 -2.27
N SER A 94 18.54 17.65 -3.00
N SER A 94 18.04 18.29 -3.36
CA SER A 94 18.05 17.19 -4.31
CA SER A 94 17.52 17.90 -4.66
C SER A 94 18.72 15.91 -4.80
C SER A 94 18.21 16.66 -5.26
N ARG A 95 20.00 15.77 -4.50
N ARG A 95 19.43 16.38 -4.82
CA ARG A 95 20.76 14.62 -4.94
CA ARG A 95 20.17 15.22 -5.29
C ARG A 95 20.33 13.38 -4.21
C ARG A 95 19.70 13.97 -4.56
N GLU A 96 20.02 13.53 -2.94
N GLU A 96 19.59 14.09 -3.24
CA GLU A 96 19.51 12.44 -2.11
CA GLU A 96 19.10 13.01 -2.42
C GLU A 96 18.08 12.07 -2.52
C GLU A 96 17.69 12.59 -2.84
N PHE A 97 17.24 13.08 -2.76
N PHE A 97 16.81 13.56 -3.12
CA PHE A 97 15.92 12.83 -3.32
CA PHE A 97 15.51 13.24 -3.70
C PHE A 97 16.00 12.04 -4.63
C PHE A 97 15.70 12.41 -4.98
N GLY A 98 16.96 12.41 -5.48
N GLY A 98 16.57 12.88 -5.86
CA GLY A 98 17.08 11.78 -6.79
CA GLY A 98 16.77 12.22 -7.15
C GLY A 98 17.40 10.30 -6.69
C GLY A 98 17.14 10.75 -7.03
N ILE A 99 18.24 9.95 -5.72
N ILE A 99 17.88 10.42 -5.98
CA ILE A 99 18.65 8.57 -5.53
CA ILE A 99 18.31 9.05 -5.77
C ILE A 99 17.47 7.70 -5.09
C ILE A 99 17.16 8.13 -5.36
N VAL A 100 16.74 8.13 -4.06
N VAL A 100 16.40 8.54 -4.33
CA VAL A 100 15.64 7.33 -3.53
CA VAL A 100 15.29 7.72 -3.86
C VAL A 100 14.43 7.27 -4.47
C VAL A 100 14.16 7.62 -4.87
N ILE A 101 14.14 8.34 -5.18
N ILE A 101 13.80 8.74 -5.48
CA ILE A 101 13.06 8.32 -6.13
CA ILE A 101 12.71 8.75 -6.46
C ILE A 101 13.42 7.41 -7.28
C ILE A 101 13.05 7.81 -7.61
N THR A 102 14.69 7.38 -7.65
N THR A 102 14.33 7.71 -7.92
CA THR A 102 15.15 6.49 -8.72
CA THR A 102 14.76 6.88 -9.03
C THR A 102 15.01 5.03 -8.32
C THR A 102 14.66 5.41 -8.68
N LEU A 103 15.55 4.69 -7.15
N LEU A 103 15.18 5.04 -7.50
CA LEU A 103 15.40 3.34 -6.61
CA LEU A 103 15.05 3.68 -6.99
C LEU A 103 13.93 2.95 -6.52
C LEU A 103 13.58 3.29 -6.90
N ASN A 104 13.10 3.87 -6.01
N ASN A 104 12.78 4.19 -6.34
CA ASN A 104 11.65 3.60 -5.91
CA ASN A 104 11.33 3.98 -6.27
C ASN A 104 11.02 3.29 -7.27
C ASN A 104 10.72 3.68 -7.62
N THR A 105 11.35 4.13 -8.24
N THR A 105 11.11 4.48 -8.61
CA THR A 105 10.78 4.01 -9.59
CA THR A 105 10.47 4.38 -9.91
C THR A 105 11.20 2.71 -10.26
C THR A 105 10.86 3.10 -10.65
N VAL A 106 12.44 2.28 -10.02
N VAL A 106 12.11 2.67 -10.50
CA VAL A 106 12.89 0.99 -10.55
CA VAL A 106 12.53 1.37 -11.01
C VAL A 106 12.04 -0.20 -10.01
C VAL A 106 11.70 0.22 -10.40
N VAL A 107 11.73 -0.16 -8.73
N VAL A 107 11.43 0.30 -9.10
CA VAL A 107 10.88 -1.18 -8.11
CA VAL A 107 10.56 -0.70 -8.45
C VAL A 107 9.52 -1.25 -8.81
C VAL A 107 9.20 -0.75 -9.13
N MET A 108 8.87 -0.10 -8.97
N MET A 108 8.55 0.41 -9.25
CA MET A 108 7.51 -0.07 -9.51
CA MET A 108 7.17 0.43 -9.73
C MET A 108 7.46 -0.39 -10.99
C MET A 108 7.03 0.08 -11.21
N LEU A 109 8.44 0.12 -11.74
N LEU A 109 7.98 0.56 -12.03
CA LEU A 109 8.55 -0.18 -13.17
CA LEU A 109 7.97 0.24 -13.46
C LEU A 109 8.82 -1.67 -13.41
C LEU A 109 8.26 -1.24 -13.69
N ALA A 110 9.74 -2.23 -12.63
N ALA A 110 9.27 -1.77 -12.99
CA ALA A 110 10.09 -3.65 -12.74
CA ALA A 110 9.62 -3.18 -13.12
C ALA A 110 8.90 -4.54 -12.41
C ALA A 110 8.46 -4.09 -12.73
N GLY A 111 8.18 -4.19 -11.35
N GLY A 111 7.80 -3.75 -11.63
CA GLY A 111 7.03 -4.97 -10.92
CA GLY A 111 6.68 -4.54 -11.15
C GLY A 111 5.89 -4.92 -11.92
C GLY A 111 5.49 -4.48 -12.11
N PHE A 112 5.68 -3.74 -12.51
N PHE A 112 5.26 -3.30 -12.69
CA PHE A 112 4.65 -3.58 -13.52
CA PHE A 112 4.20 -3.14 -13.68
C PHE A 112 5.03 -4.37 -14.77
C PHE A 112 4.51 -3.92 -14.95
N ALA A 113 6.27 -4.21 -15.22
N ALA A 113 5.76 -3.82 -15.40
CA ALA A 113 6.75 -4.93 -16.39
CA ALA A 113 6.17 -4.47 -16.64
C ALA A 113 6.63 -6.45 -16.21
C ALA A 113 6.04 -5.97 -16.47
N GLY A 114 7.03 -6.93 -15.03
N GLY A 114 6.52 -6.45 -15.33
CA GLY A 114 7.00 -8.35 -14.75
CA GLY A 114 6.53 -7.87 -15.01
C GLY A 114 5.58 -8.89 -14.77
C GLY A 114 5.14 -8.43 -14.87
N ALA A 115 4.64 -8.13 -14.20
N ALA A 115 4.22 -7.62 -14.36
CA ALA A 115 3.25 -8.54 -14.18
CA ALA A 115 2.81 -8.01 -14.30
C ALA A 115 2.70 -8.68 -15.60
C ALA A 115 2.23 -8.20 -15.70
N MET A 116 3.22 -7.89 -16.52
N MET A 116 2.67 -7.39 -16.64
CA MET A 116 2.76 -7.89 -17.91
CA MET A 116 2.13 -7.36 -17.99
C MET A 116 3.46 -8.93 -18.77
C MET A 116 2.76 -8.41 -18.91
N VAL A 117 4.45 -9.60 -18.21
N VAL A 117 3.82 -9.04 -18.43
CA VAL A 117 5.18 -10.64 -18.96
CA VAL A 117 4.56 -10.03 -19.20
C VAL A 117 4.61 -12.03 -18.68
C VAL A 117 3.99 -11.44 -18.97
N PRO A 118 4.16 -12.73 -19.75
N PRO A 118 3.48 -12.07 -20.04
CA PRO A 118 3.58 -14.07 -19.62
CA PRO A 118 2.87 -13.40 -19.93
C PRO A 118 4.59 -15.11 -19.15
C PRO A 118 3.87 -14.45 -19.46
N GLY A 119 5.79 -15.06 -19.71
N GLY A 119 5.09 -14.42 -19.99
CA GLY A 119 6.79 -16.09 -19.48
CA GLY A 119 6.05 -15.49 -19.78
C GLY A 119 7.50 -16.07 -18.15
C GLY A 119 6.88 -15.45 -18.51
N ILE A 120 8.33 -17.09 -17.95
N ILE A 120 7.63 -16.53 -18.32
CA ILE A 120 9.05 -17.27 -16.69
CA ILE A 120 8.46 -16.73 -17.13
C ILE A 120 10.05 -16.14 -16.45
C ILE A 120 9.53 -15.66 -16.93
N GLU A 121 10.39 -15.42 -17.49
N GLU A 121 9.86 -14.92 -17.98
CA GLU A 121 11.34 -14.36 -17.35
CA GLU A 121 10.84 -13.84 -17.87
C GLU A 121 10.77 -13.16 -16.57
C GLU A 121 10.26 -12.61 -17.15
N ARG A 122 9.50 -13.21 -16.24
N ARG A 122 9.01 -12.73 -16.70
CA ARG A 122 8.89 -12.18 -15.42
CA ARG A 122 8.40 -11.69 -15.90
C ARG A 122 9.49 -12.17 -14.02
C ARG A 122 9.05 -11.67 -14.53
N TYR A 123 10.05 -13.31 -13.60
N TYR A 123 9.59 -12.82 -14.13
CA TYR A 123 10.67 -13.42 -12.28
CA TYR A 123 10.21 -12.95 -12.81
C TYR A 123 12.05 -12.75 -12.24
C TYR A 123 11.56 -12.24 -12.74
N ALA A 124 12.68 -12.61 -13.40
N ALA A 124 12.21 -12.10 -13.88
CA ALA A 124 13.91 -11.85 -13.52
CA ALA A 124 13.44 -11.35 -13.98
C ALA A 124 13.61 -10.38 -13.27
C ALA A 124 13.15 -9.87 -13.70
N LEU A 125 12.49 -9.92 -13.83
N LEU A 125 12.06 -9.38 -14.29
CA LEU A 125 12.05 -8.55 -13.63
CA LEU A 125 11.63 -8.01 -14.06
C LEU A 125 11.65 -8.32 -12.17
C LEU A 125 11.31 -7.80 -12.58
N PHE A 126 10.93 -9.28 -11.59
N PHE A 126 10.55 -8.72 -11.99
CA PHE A 126 10.64 -9.23 -10.16
CA PHE A 126 10.30 -8.69 -10.54
C PHE A 126 11.95 -9.07 -9.36
C PHE A 126 11.62 -8.58 -9.77
N GLY A 127 12.92 -9.93 -9.69
N GLY A 127 12.58 -9.42 -10.13
CA GLY A 127 14.23 -9.94 -9.03
CA GLY A 127 13.88 -9.44 -9.49
C GLY A 127 14.94 -8.60 -9.10
C GLY A 127 14.59 -8.10 -9.56
N MET A 128 14.86 -7.95 -10.26
N MET A 128 14.49 -7.45 -10.71
CA MET A 128 15.45 -6.63 -10.43
CA MET A 128 15.02 -6.10 -10.87
C MET A 128 14.75 -5.63 -9.51
C MET A 128 14.34 -5.16 -9.89
N GLY A 129 13.43 -5.75 -9.41
N GLY A 129 13.02 -5.26 -9.81
CA GLY A 129 12.65 -4.91 -8.52
CA GLY A 129 12.24 -4.46 -8.88
C GLY A 129 12.99 -5.15 -7.05
C GLY A 129 12.61 -4.74 -7.44
N ALA A 130 13.18 -6.42 -6.71
N ALA A 130 12.79 -6.00 -7.10
CA ALA A 130 13.46 -6.82 -5.33
CA ALA A 130 13.14 -6.43 -5.74
C ALA A 130 14.81 -6.29 -4.83
C ALA A 130 14.50 -5.92 -5.25
N VAL A 131 15.80 -6.32 -5.70
N VAL A 131 15.49 -5.90 -6.14
CA VAL A 131 17.12 -5.78 -5.37
CA VAL A 131 16.82 -5.40 -5.81
C VAL A 131 17.05 -4.28 -5.17
C VAL A 131 16.78 -3.88 -5.59
N ALA A 132 16.35 -3.59 -6.08
N ALA A 132 16.04 -3.20 -6.45
CA ALA A 132 16.17 -2.15 -5.94
CA ALA A 132 15.88 -1.75 -6.33
C ALA A 132 15.44 -1.80 -4.65
C ALA A 132 15.21 -1.41 -5.01
N PHE A 133 14.49 -2.64 -4.26
N PHE A 133 14.24 -2.23 -4.63
CA PHE A 133 13.75 -2.43 -3.02
CA PHE A 133 13.53 -2.01 -3.37
C PHE A 133 14.65 -2.55 -1.79
C PHE A 133 14.45 -2.15 -2.16
N LEU A 134 15.55 -3.52 -1.78
N LEU A 134 15.36 -3.13 -2.20
CA LEU A 134 16.51 -3.64 -0.69
CA LEU A 134 16.37 -3.26 -1.14
C LEU A 134 17.39 -2.38 -0.61
C LEU A 134 17.22 -1.98 -1.06
N GLY A 135 17.71 -1.81 -1.76
N GLY A 135 17.55 -1.41 -2.22
CA GLY A 135 18.47 -0.57 -1.81
CA GLY A 135 18.28 -0.15 -2.25
C GLY A 135 17.69 0.59 -1.22
C GLY A 135 17.49 1.01 -1.66
N LEU A 136 16.40 0.64 -1.54
N LEU A 136 16.20 1.04 -1.95
CA LEU A 136 15.51 1.68 -1.01
CA LEU A 136 15.28 2.03 -1.38
C LEU A 136 15.37 1.55 0.51
C LEU A 136 15.20 1.91 0.15
N VAL A 137 15.20 0.32 0.98
N VAL A 137 14.97 0.69 0.62
CA VAL A 137 15.11 0.09 2.42
CA VAL A 137 14.88 0.44 2.05
C VAL A 137 16.39 0.53 3.13
C VAL A 137 16.15 0.90 2.75
N TYR A 138 17.54 0.20 2.55
N TYR A 138 17.30 0.63 2.12
CA TYR A 138 18.80 0.67 3.11
CA TYR A 138 18.57 1.03 2.70
C TYR A 138 18.83 2.19 3.24
C TYR A 138 18.64 2.55 2.85
N TYR A 139 18.42 2.87 2.20
N TYR A 139 18.21 3.27 1.82
CA TYR A 139 18.38 4.31 2.18
CA TYR A 139 18.24 4.72 1.85
C TYR A 139 17.44 4.86 3.24
C TYR A 139 17.32 5.24 2.97
N LEU A 140 16.29 4.25 3.39
N LEU A 140 16.13 4.65 3.07
CA LEU A 140 15.32 4.64 4.40
CA LEU A 140 15.17 5.01 4.11
C LEU A 140 15.83 4.45 5.83
C LEU A 140 15.68 4.77 5.53
N VAL A 141 16.47 3.32 6.12
N VAL A 141 16.40 3.66 5.76
CA VAL A 141 16.88 3.04 7.50
CA VAL A 141 16.81 3.31 7.12
C VAL A 141 18.29 3.49 7.81
C VAL A 141 18.20 3.85 7.48
N GLY A 142 19.07 3.81 6.77
N GLY A 142 18.97 4.23 6.46
CA GLY A 142 20.43 4.24 6.94
CA GLY A 142 20.32 4.72 6.64
C GLY A 142 20.56 5.75 6.78
C GLY A 142 20.41 6.21 6.40
N PRO A 143 21.06 6.19 5.62
N PRO A 143 20.92 6.62 5.23
CA PRO A 143 21.26 7.61 5.26
CA PRO A 143 21.14 8.02 4.84
C PRO A 143 20.08 8.52 5.61
C PRO A 143 19.97 8.96 5.17
N MET A 144 18.86 8.14 5.25
N MET A 144 18.73 8.51 5.02
CA MET A 144 17.70 8.99 5.52
CA MET A 144 17.57 9.36 5.26
C MET A 144 17.41 9.11 7.01
C MET A 144 17.25 9.52 6.74
N THR A 145 17.64 8.02 7.73
N THR A 145 17.41 8.42 7.49
CA THR A 145 17.46 8.02 9.17
CA THR A 145 17.26 8.43 8.91
C THR A 145 18.52 8.92 9.81
C THR A 145 18.33 9.35 9.52
N GLU A 146 19.73 8.89 9.26
N GLU A 146 19.56 9.24 9.03
CA GLU A 146 20.80 9.72 9.80
CA GLU A 146 20.66 10.10 9.51
C GLU A 146 20.49 11.20 9.61
C GLU A 146 20.38 11.59 9.30
N SER A 147 19.95 11.53 8.43
N SER A 147 19.78 11.90 8.16
CA SER A 147 19.54 12.89 8.12
CA SER A 147 19.38 13.27 7.83
C SER A 147 18.42 13.34 9.05
C SER A 147 18.22 13.72 8.72
N ALA A 148 17.43 12.47 9.25
N ALA A 148 17.25 12.84 8.94
CA ALA A 148 16.29 12.78 10.09
CA ALA A 148 16.12 13.13 9.83
C ALA A 148 16.72 13.03 11.54
C ALA A 148 16.59 13.40 11.27
N SER A 149 17.78 12.36 11.97
N SER A 149 17.64 12.70 11.69
CA SER A 149 18.20 12.42 13.36
CA SER A 149 18.11 12.79 13.07
C SER A 149 18.80 13.78 13.72
C SER A 149 18.70 14.16 13.40
N GLN A 150 19.08 14.60 12.73
N GLN A 150 18.95 14.97 12.38
CA GLN A 150 19.59 15.95 12.91
CA GLN A 150 19.50 16.31 12.55
C GLN A 150 18.49 16.99 13.09
C GLN A 150 18.42 17.36 12.74
N ARG A 151 17.25 16.60 12.87
N ARG A 151 17.17 16.96 12.60
CA ARG A 151 16.13 17.54 12.96
CA ARG A 151 16.05 17.90 12.73
C ARG A 151 15.52 17.53 14.36
C ARG A 151 15.44 17.86 14.13
N SER A 152 14.47 18.31 14.57
N SER A 152 14.39 18.64 14.34
CA SER A 152 13.83 18.39 15.89
CA SER A 152 13.76 18.75 15.66
C SER A 152 13.29 17.03 16.35
C SER A 152 13.19 17.43 16.13
N SER A 153 12.98 16.95 17.62
N SER A 153 13.02 17.28 17.44
CA SER A 153 12.50 15.74 18.20
CA SER A 153 12.50 16.04 18.02
C SER A 153 11.19 15.28 17.61
C SER A 153 11.16 15.58 17.43
N GLY A 154 10.29 16.20 17.45
N GLY A 154 10.24 16.53 17.25
CA GLY A 154 8.97 15.90 16.90
CA GLY A 154 8.94 16.21 16.69
C GLY A 154 9.06 15.42 15.47
C GLY A 154 8.99 15.73 15.25
N ILE A 155 9.96 16.02 14.71
N ILE A 155 9.94 16.27 14.51
CA ILE A 155 10.17 15.61 13.32
CA ILE A 155 10.14 15.91 13.10
C ILE A 155 10.86 14.25 13.22
C ILE A 155 10.87 14.58 12.94
N LYS A 156 11.89 14.03 14.03
N LYS A 156 11.88 14.36 13.76
CA LYS A 156 12.59 12.74 14.00
CA LYS A 156 12.62 13.09 13.72
C LYS A 156 11.65 11.60 14.38
C LYS A 156 11.70 11.93 14.13
N SER A 157 10.79 11.87 15.36
N SER A 157 10.84 12.20 15.11
CA SER A 157 9.84 10.88 15.84
CA SER A 157 9.84 11.24 15.59
C SER A 157 8.81 10.51 14.77
C SER A 157 8.84 10.82 14.49
N LEU A 158 8.32 11.51 14.06
N LEU A 158 8.25 11.81 13.83
CA LEU A 158 7.36 11.25 12.98
CA LEU A 158 7.29 11.50 12.78
C LEU A 158 8.05 10.48 11.87
C LEU A 158 7.94 10.72 11.64
N TYR A 159 9.26 10.91 11.51
N TYR A 159 9.13 11.15 11.22
CA TYR A 159 10.01 10.20 10.48
CA TYR A 159 9.85 10.42 10.17
C TYR A 159 10.17 8.70 10.79
C TYR A 159 10.06 8.96 10.56
N VAL A 160 10.64 8.38 11.99
N VAL A 160 10.60 8.71 11.75
CA VAL A 160 10.86 6.98 12.38
CA VAL A 160 10.79 7.33 12.19
C VAL A 160 9.57 6.16 12.34
C VAL A 160 9.49 6.50 12.19
N ARG A 161 8.49 6.75 12.84
N ARG A 161 8.41 7.10 12.68
CA ARG A 161 7.21 6.06 12.86
CA ARG A 161 7.11 6.42 12.68
C ARG A 161 6.72 5.78 11.44
C ARG A 161 6.63 6.12 11.24
N LEU A 162 6.80 6.78 10.57
N LEU A 162 6.83 7.07 10.32
CA LEU A 162 6.35 6.60 9.18
CA LEU A 162 6.36 6.85 8.94
C LEU A 162 7.32 5.72 8.41
C LEU A 162 7.33 6.00 8.13
N ARG A 163 8.60 5.81 8.75
N ARG A 163 8.61 6.14 8.43
CA ARG A 163 9.61 4.96 8.13
CA ARG A 163 9.61 5.29 7.82
C ARG A 163 9.34 3.50 8.46
C ARG A 163 9.31 3.85 8.20
N ASN A 164 9.01 3.23 9.73
N ASN A 164 9.05 3.64 9.49
CA ASN A 164 8.74 1.86 10.15
CA ASN A 164 8.70 2.30 9.98
C ASN A 164 7.49 1.29 9.51
C ASN A 164 7.46 1.71 9.29
N LEU A 165 6.43 2.09 9.48
N LEU A 165 6.40 2.52 9.20
CA LEU A 165 5.21 1.70 8.78
CA LEU A 165 5.21 2.09 8.46
C LEU A 165 5.51 1.33 7.33
C LEU A 165 5.51 1.75 7.00
N THR A 166 6.28 2.18 6.68
N THR A 166 6.33 2.59 6.37
CA THR A 166 6.58 2.04 5.25
CA THR A 166 6.63 2.46 4.96
C THR A 166 7.45 0.82 4.97
C THR A 166 7.45 1.20 4.70
N VAL A 167 8.57 0.68 5.70
N VAL A 167 8.56 1.01 5.41
CA VAL A 167 9.47 -0.44 5.45
CA VAL A 167 9.37 -0.19 5.21
C VAL A 167 8.80 -1.80 5.69
C VAL A 167 8.60 -1.52 5.40
N ILE A 168 8.10 -1.93 6.81
N ILE A 168 7.88 -1.64 6.51
CA ILE A 168 7.46 -3.20 7.15
CA ILE A 168 7.13 -2.86 6.80
C ILE A 168 6.36 -3.54 6.16
C ILE A 168 6.05 -3.16 5.79
N LEU A 169 5.49 -2.57 5.91
N LEU A 169 5.26 -2.14 5.48
CA LEU A 169 4.34 -2.82 5.04
CA LEU A 169 4.10 -2.34 4.63
C LEU A 169 4.67 -2.93 3.55
C LEU A 169 4.47 -2.49 3.15
N TRP A 170 5.56 -2.07 3.08
N TRP A 170 5.42 -1.69 2.69
CA TRP A 170 5.94 -2.17 1.66
CA TRP A 170 5.87 -1.82 1.30
C TRP A 170 6.60 -3.51 1.39
C TRP A 170 6.49 -3.19 1.02
N ALA A 171 7.24 -4.11 2.40
N ALA A 171 7.12 -3.80 2.01
CA ALA A 171 7.90 -5.39 2.22
CA ALA A 171 7.75 -5.10 1.82
C ALA A 171 6.91 -6.54 1.95
C ALA A 171 6.72 -6.20 1.60
N ILE A 172 5.64 -6.31 2.25
N ILE A 172 5.45 -5.91 1.89
CA ILE A 172 4.61 -7.33 2.06
CA ILE A 172 4.39 -6.91 1.73
C ILE A 172 4.16 -7.41 0.60
C ILE A 172 3.90 -6.99 0.27
N TYR A 173 4.15 -6.26 -0.09
N TYR A 173 3.92 -5.85 -0.42
CA TYR A 173 3.72 -6.21 -1.50
CA TYR A 173 3.50 -5.80 -1.82
C TYR A 173 4.40 -7.23 -2.42
C TYR A 173 4.18 -6.84 -2.74
N PRO A 174 5.73 -7.38 -2.33
N PRO A 174 5.51 -7.00 -2.67
CA PRO A 174 6.32 -8.36 -3.25
CA PRO A 174 6.05 -8.01 -3.60
C PRO A 174 5.87 -9.80 -2.97
C PRO A 174 5.60 -9.46 -3.29
N PHE A 175 5.51 -10.12 -1.73
N PHE A 175 5.31 -9.78 -2.04
CA PHE A 175 5.01 -11.45 -1.43
CA PHE A 175 4.79 -11.11 -1.73
C PHE A 175 3.62 -11.65 -2.02
C PHE A 175 3.39 -11.33 -2.30
N ILE A 176 2.83 -10.58 -2.07
N ILE A 176 2.57 -10.28 -2.31
CA ILE A 176 1.51 -10.66 -2.68
CA ILE A 176 1.25 -10.39 -2.93
C ILE A 176 1.64 -10.78 -4.20
C ILE A 176 1.36 -10.48 -4.47
N TRP A 177 2.66 -10.13 -4.76
N TRP A 177 2.35 -9.83 -5.04
CA TRP A 177 2.96 -10.27 -6.18
CA TRP A 177 2.63 -9.93 -6.48
C TRP A 177 3.31 -11.73 -6.50
C TRP A 177 3.00 -11.40 -6.79
N LEU A 178 4.20 -12.31 -5.69
N LEU A 178 3.94 -11.94 -6.02
CA LEU A 178 4.69 -13.68 -5.90
CA LEU A 178 4.42 -13.32 -6.19
C LEU A 178 3.63 -14.75 -5.72
C LEU A 178 3.33 -14.38 -6.01
N LEU A 179 2.77 -14.57 -4.72
N LEU A 179 2.51 -14.25 -4.98
CA LEU A 179 1.76 -15.59 -4.38
CA LEU A 179 1.48 -15.25 -4.69
C LEU A 179 0.45 -15.37 -5.13
C LEU A 179 0.16 -15.05 -5.46
N GLY A 180 0.27 -14.15 -5.64
N GLY A 180 -0.08 -13.83 -5.93
CA GLY A 180 -0.95 -13.78 -6.33
CA GLY A 180 -1.30 -13.52 -6.64
C GLY A 180 -0.88 -14.08 -7.82
C GLY A 180 -1.21 -13.81 -8.13
N PRO A 181 -1.89 -13.63 -8.58
N PRO A 181 -2.20 -13.33 -8.91
CA PRO A 181 -1.98 -13.80 -10.03
CA PRO A 181 -2.27 -13.51 -10.38
C PRO A 181 -0.68 -13.52 -10.83
C PRO A 181 -1.00 -13.18 -11.18
N PRO A 182 0.11 -12.48 -10.46
N PRO A 182 -0.24 -12.13 -10.83
CA PRO A 182 1.32 -12.29 -11.27
CA PRO A 182 0.99 -11.93 -11.61
C PRO A 182 2.37 -13.37 -11.07
C PRO A 182 2.03 -12.99 -11.38
N GLY A 183 2.33 -14.08 -9.94
N GLY A 183 1.92 -13.72 -10.27
CA GLY A 183 3.32 -15.08 -9.63
CA GLY A 183 2.94 -14.68 -9.90
C GLY A 183 2.80 -16.50 -9.82
C GLY A 183 2.47 -16.11 -10.10
N VAL A 184 2.56 -17.20 -8.72
N VAL A 184 2.31 -16.85 -9.01
CA VAL A 184 2.13 -18.60 -8.78
CA VAL A 184 1.89 -18.25 -9.07
C VAL A 184 0.62 -18.75 -8.60
C VAL A 184 0.38 -18.40 -8.94
N ALA A 185 -0.09 -17.64 -8.45
N ALA A 185 -0.30 -17.28 -8.73
CA ALA A 185 -1.55 -17.63 -8.38
CA ALA A 185 -1.76 -17.26 -8.65
C ALA A 185 -2.12 -18.58 -7.32
C ALA A 185 -2.35 -18.22 -7.62
N LEU A 186 -1.57 -18.53 -6.11
N LEU A 186 -1.72 -18.28 -6.45
CA LEU A 186 -2.13 -19.28 -4.99
CA LEU A 186 -2.29 -19.00 -5.31
C LEU A 186 -3.20 -18.47 -4.27
C LEU A 186 -3.41 -18.18 -4.64
N LEU A 187 -3.09 -17.14 -4.33
N LEU A 187 -3.27 -16.86 -4.66
CA LEU A 187 -4.15 -16.26 -3.88
CA LEU A 187 -4.36 -15.99 -4.24
C LEU A 187 -5.16 -16.10 -5.02
C LEU A 187 -5.35 -15.89 -5.38
N THR A 188 -6.45 -16.19 -4.72
N THR A 188 -6.64 -16.03 -5.08
CA THR A 188 -7.46 -15.96 -5.76
CA THR A 188 -7.68 -15.85 -6.09
C THR A 188 -7.41 -14.49 -6.16
C THR A 188 -7.74 -14.36 -6.45
N PRO A 189 -7.96 -14.14 -7.34
N PRO A 189 -8.33 -14.03 -7.62
CA PRO A 189 -8.03 -12.72 -7.73
CA PRO A 189 -8.49 -12.63 -8.02
C PRO A 189 -8.71 -11.88 -6.65
C PRO A 189 -9.18 -11.81 -6.94
N THR A 190 -9.74 -12.42 -6.02
N THR A 190 -10.21 -12.35 -6.30
CA THR A 190 -10.47 -11.69 -4.99
CA THR A 190 -10.95 -11.63 -5.26
C THR A 190 -9.63 -11.43 -3.76
C THR A 190 -10.09 -11.36 -4.03
N VAL A 191 -8.93 -12.46 -3.27
N VAL A 191 -9.30 -12.35 -3.62
CA VAL A 191 -8.10 -12.31 -2.08
CA VAL A 191 -8.48 -12.21 -2.43
C VAL A 191 -6.93 -11.35 -2.37
C VAL A 191 -7.32 -11.27 -2.70
N ASP A 192 -6.34 -11.49 -3.56
N ASP A 192 -6.71 -11.43 -3.86
CA ASP A 192 -5.31 -10.59 -4.04
CA ASP A 192 -5.68 -10.52 -4.37
C ASP A 192 -5.75 -9.13 -3.99
C ASP A 192 -6.17 -9.07 -4.41
N VAL A 193 -6.92 -8.85 -4.55
N VAL A 193 -7.38 -8.85 -4.95
CA VAL A 193 -7.44 -7.48 -4.56
CA VAL A 193 -7.96 -7.50 -4.93
C VAL A 193 -7.78 -6.98 -3.15
C VAL A 193 -8.26 -6.97 -3.52
N ALA A 194 -8.39 -7.84 -2.34
N ALA A 194 -8.82 -7.82 -2.66
CA ALA A 194 -8.76 -7.47 -0.98
CA ALA A 194 -9.17 -7.42 -1.30
C ALA A 194 -7.54 -7.12 -0.12
C ALA A 194 -7.94 -7.05 -0.47
N LEU A 195 -6.48 -7.92 -0.24
N LEU A 195 -6.86 -7.83 -0.62
CA LEU A 195 -5.23 -7.64 0.49
CA LEU A 195 -5.61 -7.54 0.09
C LEU A 195 -4.61 -6.33 0.07
C LEU A 195 -4.99 -6.21 -0.36
N ILE A 196 -4.58 -6.08 -1.24
N ILE A 196 -4.98 -5.98 -1.66
CA ILE A 196 -4.01 -4.84 -1.79
CA ILE A 196 -4.43 -4.74 -2.22
C ILE A 196 -4.84 -3.59 -1.41
C ILE A 196 -5.28 -3.50 -1.90
N VAL A 197 -6.17 -3.70 -1.41
N VAL A 197 -6.61 -3.61 -1.89
CA VAL A 197 -6.99 -2.58 -0.91
CA VAL A 197 -7.46 -2.54 -1.35
C VAL A 197 -6.61 -2.23 0.52
C VAL A 197 -7.05 -2.18 0.06
N TYR A 198 -6.59 -3.23 1.41
N TYR A 198 -7.01 -3.19 0.94
CA TYR A 198 -6.27 -2.98 2.80
CA TYR A 198 -6.65 -2.96 2.33
C TYR A 198 -4.87 -2.40 2.95
C TYR A 198 -5.28 -2.35 2.47
N LEU A 199 -3.92 -3.01 2.26
N LEU A 199 -4.29 -2.95 1.80
CA LEU A 199 -2.53 -2.58 2.33
CA LEU A 199 -2.92 -2.48 1.90
C LEU A 199 -2.34 -1.16 1.78
C LEU A 199 -2.75 -1.06 1.36
N ASP A 200 -2.95 -0.87 0.62
N ASP A 200 -3.33 -0.82 0.18
CA ASP A 200 -2.92 0.49 0.06
CA ASP A 200 -3.30 0.52 -0.40
C ASP A 200 -3.54 1.49 1.02
C ASP A 200 -3.94 1.53 0.56
N LEU A 201 -4.67 1.13 1.60
N LEU A 201 -5.02 1.15 1.22
CA LEU A 201 -5.31 2.04 2.56
CA LEU A 201 -5.68 2.08 2.14
C LEU A 201 -4.42 2.36 3.76
C LEU A 201 -4.75 2.43 3.31
N VAL A 202 -3.71 1.36 4.27
N VAL A 202 -3.98 1.46 3.79
CA VAL A 202 -2.82 1.61 5.42
CA VAL A 202 -3.08 1.73 4.92
C VAL A 202 -1.59 2.41 5.02
C VAL A 202 -1.86 2.56 4.53
N THR A 203 -0.97 2.07 3.89
N THR A 203 -1.18 2.18 3.44
CA THR A 203 0.26 2.74 3.48
CA THR A 203 0.02 2.91 3.00
C THR A 203 0.04 4.17 3.00
C THR A 203 -0.19 4.39 2.62
N LYS A 204 -1.17 4.53 2.62
N LYS A 204 -1.58 4.62 2.17
CA LYS A 204 -1.48 5.87 2.12
CA LYS A 204 -1.84 6.00 1.72
C LYS A 204 -2.29 6.63 3.16
C LYS A 204 -2.62 6.76 2.81
N VAL A 205 -3.52 6.07 3.49
N VAL A 205 -3.82 6.42 3.17
CA VAL A 205 -4.45 6.77 4.37
CA VAL A 205 -4.74 7.05 4.10
C VAL A 205 -4.02 6.61 5.84
C VAL A 205 -4.22 6.84 5.51
N GLY A 206 -3.55 5.42 6.21
N GLY A 206 -3.79 5.60 5.80
CA GLY A 206 -3.03 5.25 7.57
CA GLY A 206 -3.19 5.29 7.09
C GLY A 206 -1.79 6.10 7.85
C GLY A 206 -1.96 6.15 7.40
N PHE A 207 -0.83 6.04 6.93
N PHE A 207 -1.00 6.12 6.48
CA PHE A 207 0.33 6.94 6.88
CA PHE A 207 0.19 6.97 6.52
C PHE A 207 -0.09 8.39 7.09
C PHE A 207 -0.26 8.41 6.73
N GLY A 208 -1.06 8.86 6.30
N GLY A 208 -1.30 8.83 5.99
CA GLY A 208 -1.50 10.25 6.40
CA GLY A 208 -1.82 10.19 6.11
C GLY A 208 -2.11 10.59 7.74
C GLY A 208 -2.36 10.51 7.50
N PHE A 209 -2.89 9.67 8.30
N PHE A 209 -3.16 9.62 8.05
CA PHE A 209 -3.55 9.91 9.57
CA PHE A 209 -3.75 9.83 9.37
C PHE A 209 -2.54 9.96 10.71
C PHE A 209 -2.70 9.88 10.48
N ILE A 210 -1.51 9.11 10.63
N ILE A 210 -1.64 9.09 10.34
CA ILE A 210 -0.41 9.18 11.59
CA ILE A 210 -0.51 9.18 11.27
C ILE A 210 0.26 10.56 11.50
C ILE A 210 0.17 10.55 11.24
N ALA A 211 0.47 11.04 10.28
N ALA A 211 0.46 11.04 10.04
CA ALA A 211 1.07 12.36 10.08
CA ALA A 211 1.03 12.38 9.92
C ALA A 211 0.16 13.49 10.58
C ALA A 211 0.05 13.47 10.41
N LEU A 212 -1.13 13.40 10.28
N LEU A 212 -1.24 13.28 10.14
CA LEU A 212 -2.12 14.38 10.76
CA LEU A 212 -2.27 14.23 10.60
C LEU A 212 -2.10 14.46 12.29
C LEU A 212 -2.27 14.37 12.12
N ASP A 213 -2.12 13.29 12.93
N ASP A 213 -2.28 13.23 12.80
CA ASP A 213 -2.12 13.23 14.39
CA ASP A 213 -2.29 13.19 14.24
C ASP A 213 -0.86 13.85 15.01
C ASP A 213 -1.05 13.87 14.84
N ALA A 214 0.28 13.67 14.36
N ALA A 214 0.11 13.66 14.21
CA ALA A 214 1.54 14.22 14.86
CA ALA A 214 1.36 14.24 14.69
C ALA A 214 1.61 15.72 14.63
C ALA A 214 1.43 15.75 14.45
N ALA A 215 1.10 16.17 13.49
N ALA A 215 0.83 16.20 13.36
CA ALA A 215 1.13 17.57 13.11
CA ALA A 215 0.86 17.61 13.00
C ALA A 215 0.31 18.42 14.06
C ALA A 215 0.07 18.45 14.00
N ALA A 216 -0.82 17.87 14.49
N ALA A 216 -1.08 17.92 14.43
CA ALA A 216 -1.71 18.58 15.40
CA ALA A 216 -1.96 18.64 15.34
C ALA A 216 -1.03 18.72 16.76
C ALA A 216 -1.26 18.81 16.68
N THR A 217 -0.32 17.68 17.15
N THR A 217 -0.51 17.79 17.06
CA THR A 217 0.36 17.68 18.42
CA THR A 217 0.19 17.78 18.34
C THR A 217 1.54 18.63 18.47
C THR A 217 1.32 18.81 18.37
N LEU A 218 2.33 18.72 17.41
N LEU A 218 2.13 18.82 17.33
CA LEU A 218 3.48 19.61 17.35
CA LEU A 218 3.26 19.75 17.25
C LEU A 218 3.06 21.08 17.36
C LEU A 218 2.78 21.20 17.19
N ARG A 219 1.90 21.35 16.77
N ARG A 219 1.64 21.43 16.56
CA ARG A 219 1.40 22.71 16.60
CA ARG A 219 1.06 22.77 16.52
C ARG A 219 0.73 23.13 17.88
C ARG A 219 0.49 23.16 17.88
N ALA A 220 0.31 22.14 18.65
N ALA A 220 0.05 22.16 18.65
CA ALA A 220 -0.31 22.36 19.95
CA ALA A 220 -0.57 22.40 19.96
C ALA A 220 0.67 22.13 21.10
C ALA A 220 0.47 22.56 21.06
N GLU A 221 1.91 22.60 20.90
N GLU A 221 1.75 22.60 20.68
CA GLU A 221 2.97 22.65 21.91
CA GLU A 221 2.85 22.78 21.61
C GLU A 221 4.30 22.92 21.21
C GLU A 221 4.14 23.13 20.87
N MET B 19 -4.60 3.95 20.32
N MET B 19 -5.37 4.51 19.87
CA MET B 19 -4.47 2.56 19.96
CA MET B 19 -5.17 3.11 19.47
C MET B 19 -5.81 1.87 19.77
C MET B 19 -6.49 2.37 19.35
N GLY B 20 -6.81 2.35 20.47
N GLY B 20 -7.52 2.85 20.04
CA GLY B 20 -8.14 1.76 20.42
CA GLY B 20 -8.83 2.24 20.01
C GLY B 20 -8.73 1.73 19.03
C GLY B 20 -9.36 2.13 18.60
N ALA B 21 -8.83 2.91 18.42
N ALA B 21 -9.39 3.26 17.90
CA ALA B 21 -9.36 3.03 17.06
CA ALA B 21 -9.89 3.32 16.52
C ALA B 21 -8.57 2.16 16.09
C ALA B 21 -9.09 2.40 15.60
N VAL B 22 -7.28 2.00 16.36
N VAL B 22 -7.79 2.28 15.88
CA VAL B 22 -6.41 1.15 15.56
CA VAL B 22 -6.91 1.41 15.11
C VAL B 22 -6.78 -0.33 15.71
C VAL B 22 -7.29 -0.06 15.26
N PHE B 23 -7.01 -0.77 16.94
N PHE B 23 -7.46 -0.50 16.51
CA PHE B 23 -7.32 -2.19 17.22
CA PHE B 23 -7.78 -1.90 16.79
C PHE B 23 -8.68 -2.62 16.65
C PHE B 23 -9.11 -2.33 16.19
N ILE B 24 -9.73 -1.85 16.88
N ILE B 24 -10.16 -1.55 16.46
CA ILE B 24 -11.04 -2.24 16.36
CA ILE B 24 -11.49 -1.88 15.94
C ILE B 24 -11.07 -2.09 14.87
C ILE B 24 -11.48 -1.87 14.42
N PHE B 25 -10.16 -1.29 14.34
N PHE B 25 -10.57 -1.09 13.83
CA PHE B 25 -10.02 -1.24 12.90
CA PHE B 25 -10.43 -1.05 12.39
C PHE B 25 -9.45 -2.55 12.40
C PHE B 25 -9.77 -2.33 11.89
N VAL B 26 -8.51 -3.10 13.18
N VAL B 26 -8.75 -2.77 12.62
CA VAL B 26 -7.78 -4.32 12.87
CA VAL B 26 -8.06 -4.02 12.32
C VAL B 26 -8.67 -5.54 13.09
C VAL B 26 -9.00 -5.20 12.56
N GLY B 27 -9.31 -5.57 14.23
N GLY B 27 -9.70 -5.18 13.69
CA GLY B 27 -10.25 -6.62 14.57
CA GLY B 27 -10.67 -6.21 14.00
C GLY B 27 -11.43 -6.70 13.62
C GLY B 27 -11.82 -6.30 13.02
N ALA B 28 -11.93 -5.55 13.17
N ALA B 28 -12.34 -5.16 12.59
CA ALA B 28 -13.08 -5.52 12.29
CA ALA B 28 -13.50 -5.13 11.70
C ALA B 28 -12.73 -5.86 10.86
C ALA B 28 -13.16 -5.57 10.29
N LEU B 29 -11.56 -5.44 10.40
N LEU B 29 -12.04 -5.08 9.76
CA LEU B 29 -11.16 -5.76 9.04
CA LEU B 29 -11.65 -5.46 8.41
C LEU B 29 -10.79 -7.23 8.90
C LEU B 29 -11.15 -6.90 8.34
N THR B 30 -10.37 -7.84 10.00
N THR B 30 -10.71 -7.43 9.47
CA THR B 30 -10.04 -9.25 10.00
CA THR B 30 -10.32 -8.83 9.55
C THR B 30 -11.28 -10.12 9.82
C THR B 30 -11.54 -9.76 9.46
N VAL B 31 -12.36 -9.78 10.52
N VAL B 31 -12.61 -9.43 10.17
CA VAL B 31 -13.59 -10.54 10.37
CA VAL B 31 -13.81 -10.24 10.06
C VAL B 31 -14.21 -10.29 9.00
C VAL B 31 -14.45 -10.00 8.69
N LEU B 32 -14.08 -9.07 8.52
N LEU B 32 -14.26 -8.81 8.14
CA LEU B 32 -14.49 -8.74 7.17
CA LEU B 32 -14.74 -8.52 6.79
C LEU B 32 -13.70 -9.47 6.09
C LEU B 32 -13.97 -9.35 5.77
N PHE B 33 -12.39 -9.62 6.29
N PHE B 33 -12.64 -9.34 5.87
CA PHE B 33 -11.57 -10.44 5.40
CA PHE B 33 -11.82 -10.15 4.97
C PHE B 33 -11.94 -11.93 5.53
C PHE B 33 -12.17 -11.65 5.10
N GLY B 34 -12.20 -12.37 6.76
N GLY B 34 -12.47 -12.09 6.31
CA GLY B 34 -12.60 -13.75 6.98
CA GLY B 34 -12.83 -13.48 6.55
C GLY B 34 -13.92 -14.08 6.32
C GLY B 34 -14.18 -13.80 5.94
N ALA B 35 -14.81 -13.08 6.30
N ALA B 35 -15.08 -12.81 5.95
CA ALA B 35 -16.11 -13.20 5.64
CA ALA B 35 -16.38 -12.92 5.32
C ALA B 35 -15.96 -13.34 4.13
C ALA B 35 -16.24 -13.07 3.81
N ILE B 36 -15.06 -12.56 3.54
N ILE B 36 -15.36 -12.25 3.22
CA ILE B 36 -14.78 -12.64 2.11
CA ILE B 36 -15.08 -12.34 1.80
C ILE B 36 -14.23 -14.03 1.76
C ILE B 36 -14.53 -13.70 1.44
N ALA B 37 -13.24 -14.45 2.54
N ALA B 37 -13.48 -14.13 2.14
CA ALA B 37 -12.64 -15.77 2.39
CA ALA B 37 -12.88 -15.42 1.91
C ALA B 37 -13.66 -16.90 2.57
C ALA B 37 -13.88 -16.56 2.14
N TYR B 38 -14.49 -16.79 3.59
N TYR B 38 -14.68 -16.44 3.20
CA TYR B 38 -15.55 -17.77 3.82
CA TYR B 38 -15.73 -17.43 3.48
C TYR B 38 -16.52 -17.82 2.65
C TYR B 38 -16.71 -17.52 2.30
N GLY B 39 -16.84 -16.66 2.08
N GLY B 39 -17.11 -16.37 1.78
CA GLY B 39 -17.78 -16.60 0.97
CA GLY B 39 -18.05 -16.34 0.66
C GLY B 39 -17.23 -17.33 -0.24
C GLY B 39 -17.51 -17.08 -0.54
N GLU B 40 -15.93 -17.17 -0.45
N GLU B 40 -16.22 -16.90 -0.78
CA GLU B 40 -15.21 -17.84 -1.53
CA GLU B 40 -15.56 -17.58 -1.88
C GLU B 40 -15.23 -19.35 -1.35
C GLU B 40 -15.50 -19.09 -1.68
N VAL B 41 -15.04 -19.80 -0.12
N VAL B 41 -15.35 -19.52 -0.43
CA VAL B 41 -15.08 -21.24 0.19
CA VAL B 41 -15.34 -20.96 -0.13
C VAL B 41 -16.48 -21.83 0.02
C VAL B 41 -16.73 -21.58 -0.31
N THR B 42 -17.50 -21.08 0.45
N THR B 42 -17.76 -20.85 0.13
CA THR B 42 -18.87 -21.58 0.34
CA THR B 42 -19.14 -21.32 -0.02
C THR B 42 -19.28 -21.61 -1.13
C THR B 42 -19.53 -21.43 -1.49
N ALA B 43 -18.88 -20.58 -1.87
N ALA B 43 -19.19 -20.40 -2.27
CA ALA B 43 -19.17 -20.52 -3.30
CA ALA B 43 -19.50 -20.39 -3.69
C ALA B 43 -18.53 -21.70 -4.03
C ALA B 43 -18.80 -21.52 -4.43
N ALA B 44 -17.29 -22.02 -3.67
N ALA B 44 -17.57 -21.83 -4.01
CA ALA B 44 -16.61 -23.18 -4.24
CA ALA B 44 -16.85 -22.95 -4.60
C ALA B 44 -17.30 -24.47 -3.79
C ALA B 44 -17.46 -24.26 -4.13
N ALA B 45 -17.81 -24.47 -2.57
N ALA B 45 -18.04 -24.24 -2.92
CA ALA B 45 -18.49 -25.63 -2.02
CA ALA B 45 -18.69 -25.42 -2.38
C ALA B 45 -19.77 -25.92 -2.79
C ALA B 45 -19.95 -25.73 -3.18
N ALA B 46 -20.48 -24.85 -3.15
N ALA B 46 -20.68 -24.67 -3.52
CA ALA B 46 -21.74 -24.96 -3.88
CA ALA B 46 -21.94 -24.79 -4.26
C ALA B 46 -21.54 -25.67 -5.21
C ALA B 46 -21.74 -25.41 -5.64
N THR B 47 -20.31 -25.70 -5.65
N THR B 47 -20.50 -25.39 -6.10
CA THR B 47 -19.93 -26.29 -6.89
CA THR B 47 -20.13 -26.02 -7.37
C THR B 47 -19.96 -27.81 -6.84
C THR B 47 -20.17 -27.54 -7.26
N GLY B 48 -19.47 -28.39 -5.75
N GLY B 48 -19.57 -28.07 -6.21
CA GLY B 48 -19.40 -29.83 -5.57
CA GLY B 48 -19.49 -29.50 -6.01
C GLY B 48 -18.03 -30.36 -5.93
C GLY B 48 -18.10 -30.03 -6.35
N ASP B 49 -17.20 -29.46 -6.42
N ASP B 49 -17.24 -29.15 -6.85
CA ASP B 49 -15.85 -29.80 -6.76
CA ASP B 49 -15.85 -29.50 -7.13
C ASP B 49 -14.96 -29.64 -5.51
C ASP B 49 -15.01 -29.26 -5.88
N ALA B 50 -14.40 -30.74 -5.03
N ALA B 50 -14.48 -30.35 -5.33
CA ALA B 50 -13.53 -30.71 -3.86
CA ALA B 50 -13.64 -30.31 -4.14
C ALA B 50 -12.25 -29.91 -4.11
C ALA B 50 -12.33 -29.57 -4.40
N ALA B 51 -11.70 -30.05 -5.32
N ALA B 51 -11.82 -29.66 -5.62
CA ALA B 51 -10.46 -29.39 -5.67
CA ALA B 51 -10.57 -29.02 -5.98
C ALA B 51 -10.63 -27.87 -5.72
C ALA B 51 -10.78 -27.51 -6.04
N ALA B 52 -11.81 -27.42 -6.15
N ALA B 52 -11.99 -27.10 -6.43
CA ALA B 52 -12.12 -26.01 -6.18
CA ALA B 52 -12.34 -25.69 -6.44
C ALA B 52 -12.11 -25.44 -4.76
C ALA B 52 -12.48 -25.13 -5.03
N VAL B 53 -12.68 -26.19 -3.82
N VAL B 53 -12.92 -25.97 -4.09
CA VAL B 53 -12.75 -25.75 -2.43
CA VAL B 53 -13.02 -25.50 -2.71
C VAL B 53 -11.35 -25.67 -1.81
C VAL B 53 -11.62 -25.40 -2.09
N GLN B 54 -10.52 -26.65 -2.11
N GLN B 54 -10.79 -26.41 -2.36
CA GLN B 54 -9.14 -26.66 -1.64
CA GLN B 54 -9.40 -26.41 -1.93
C GLN B 54 -8.42 -25.42 -2.15
C GLN B 54 -8.67 -25.17 -2.43
N GLU B 55 -8.69 -25.09 -3.41
N GLU B 55 -8.90 -24.83 -3.69
CA GLU B 55 -8.11 -23.92 -4.03
CA GLU B 55 -8.26 -23.67 -4.29
C GLU B 55 -8.53 -22.63 -3.31
C GLU B 55 -8.71 -22.39 -3.58
N ALA B 56 -9.81 -22.50 -3.02
N ALA B 56 -10.01 -22.29 -3.30
CA ALA B 56 -10.31 -21.31 -2.33
CA ALA B 56 -10.55 -21.14 -2.58
C ALA B 56 -9.77 -21.26 -0.89
C ALA B 56 -10.04 -21.10 -1.15
N ALA B 57 -9.54 -22.44 -0.33
N ALA B 57 -9.85 -22.28 -0.56
CA ALA B 57 -9.12 -22.58 1.06
CA ALA B 57 -9.39 -22.39 0.83
C ALA B 57 -7.65 -22.27 1.22
C ALA B 57 -7.92 -22.03 0.97
N VAL B 58 -6.85 -22.72 0.25
N VAL B 58 -7.10 -22.52 0.05
CA VAL B 58 -5.43 -22.43 0.26
CA VAL B 58 -5.67 -22.23 0.06
C VAL B 58 -5.21 -20.91 0.14
C VAL B 58 -5.44 -20.72 -0.04
N SER B 59 -6.01 -20.28 -0.70
N SER B 59 -6.23 -20.08 -0.92
CA SER B 59 -5.96 -18.81 -0.89
CA SER B 59 -6.23 -18.61 -1.09
C SER B 59 -6.35 -18.11 0.41
C SER B 59 -6.62 -17.89 0.19
N ALA B 60 -7.41 -18.60 1.04
N ALA B 60 -7.68 -18.38 0.84
CA ALA B 60 -7.88 -18.01 2.30
CA ALA B 60 -8.13 -17.75 2.07
C ALA B 60 -6.85 -18.11 3.41
C ALA B 60 -7.07 -17.84 3.17
N ILE B 61 -6.16 -19.24 3.48
N ILE B 61 -6.39 -18.98 3.21
CA ILE B 61 -5.15 -19.48 4.50
CA ILE B 61 -5.33 -19.22 4.19
C ILE B 61 -3.92 -18.60 4.29
C ILE B 61 -4.11 -18.33 3.97
N LEU B 62 -3.42 -18.57 3.06
N LEU B 62 -3.61 -18.32 2.74
CA LEU B 62 -2.30 -17.69 2.73
CA LEU B 62 -2.52 -17.41 2.40
C LEU B 62 -2.69 -16.23 2.97
C LEU B 62 -2.94 -15.96 2.66
N GLY B 63 -3.90 -15.87 2.55
N GLY B 63 -4.16 -15.62 2.26
CA GLY B 63 -4.38 -14.51 2.69
CA GLY B 63 -4.66 -14.25 2.44
C GLY B 63 -4.47 -14.08 4.14
C GLY B 63 -4.78 -13.80 3.89
N LEU B 64 -4.98 -14.97 4.99
N LEU B 64 -5.30 -14.68 4.74
CA LEU B 64 -5.10 -14.67 6.41
CA LEU B 64 -5.41 -14.38 6.16
C LEU B 64 -3.74 -14.58 7.09
C LEU B 64 -4.04 -14.27 6.81
N ILE B 65 -2.78 -15.37 6.64
N ILE B 65 -3.07 -15.04 6.33
CA ILE B 65 -1.41 -15.26 7.15
CA ILE B 65 -1.70 -14.93 6.86
C ILE B 65 -0.80 -13.90 6.77
C ILE B 65 -1.07 -13.58 6.46
N ILE B 66 -0.99 -13.49 5.51
N ILE B 66 -1.24 -13.19 5.20
CA ILE B 66 -0.49 -12.20 5.07
CA ILE B 66 -0.77 -11.89 4.74
C ILE B 66 -1.16 -11.07 5.87
C ILE B 66 -1.43 -10.76 5.54
N LEU B 67 -2.48 -11.20 6.06
N LEU B 67 -2.74 -10.88 5.75
CA LEU B 67 -3.24 -10.25 6.84
CA LEU B 67 -3.47 -9.90 6.54
C LEU B 67 -2.69 -10.06 8.27
C LEU B 67 -2.88 -9.71 7.95
N LEU B 68 -2.31 -11.15 8.94
N LEU B 68 -2.50 -10.80 8.60
CA LEU B 68 -1.63 -11.04 10.22
CA LEU B 68 -1.80 -10.69 9.89
C LEU B 68 -0.41 -10.16 10.11
C LEU B 68 -0.54 -9.84 9.76
N GLY B 69 0.40 -10.41 9.08
N GLY B 69 0.26 -10.11 8.73
CA GLY B 69 1.59 -9.61 8.84
CA GLY B 69 1.43 -9.28 8.47
C GLY B 69 1.26 -8.14 8.71
C GLY B 69 1.11 -7.80 8.39
N ILE B 70 0.19 -7.83 7.97
N ILE B 70 0.06 -7.45 7.65
CA ILE B 70 -0.21 -6.45 7.80
CA ILE B 70 -0.36 -6.08 7.49
C ILE B 70 -0.65 -5.84 9.14
C ILE B 70 -0.83 -5.48 8.83
N ASN B 71 -1.53 -6.54 9.85
N ASN B 71 -1.61 -6.25 9.57
CA ASN B 71 -2.04 -6.02 11.11
CA ASN B 71 -2.17 -5.72 10.80
C ASN B 71 -0.91 -5.84 12.13
C ASN B 71 -1.11 -5.56 11.90
N LEU B 72 -0.05 -6.85 12.23
N LEU B 72 -0.23 -6.54 12.03
CA LEU B 72 1.09 -6.82 13.15
CA LEU B 72 0.92 -6.45 12.94
C LEU B 72 2.03 -5.71 12.78
C LEU B 72 1.82 -5.31 12.49
N GLY B 73 2.26 -5.55 11.48
N GLY B 73 1.85 -5.08 11.18
CA GLY B 73 3.07 -4.46 10.97
CA GLY B 73 2.60 -3.99 10.60
C GLY B 73 2.49 -3.12 11.35
C GLY B 73 2.04 -2.62 10.96
N LEU B 74 1.19 -2.95 11.14
N LEU B 74 0.72 -2.48 10.85
CA LEU B 74 0.50 -1.70 11.51
CA LEU B 74 0.06 -1.24 11.23
C LEU B 74 0.62 -1.41 13.02
C LEU B 74 0.19 -0.99 12.74
N VAL B 75 0.35 -2.43 13.82
N VAL B 75 -0.15 -2.01 13.53
CA VAL B 75 0.38 -2.32 15.28
CA VAL B 75 -0.14 -1.91 14.98
C VAL B 75 1.78 -2.01 15.80
C VAL B 75 1.24 -1.61 15.53
N ALA B 76 2.75 -2.83 15.41
N ALA B 76 2.25 -2.34 15.06
CA ALA B 76 4.13 -2.62 15.81
CA ALA B 76 3.62 -2.10 15.51
C ALA B 76 4.57 -1.22 15.43
C ALA B 76 4.06 -0.68 15.14
N ALA B 77 4.21 -0.80 14.22
N ALA B 77 3.88 -0.32 13.88
CA ALA B 77 4.60 0.52 13.73
CA ALA B 77 4.23 1.01 13.40
C ALA B 77 3.95 1.70 14.45
C ALA B 77 3.48 2.17 14.07
N THR B 78 2.72 1.54 14.94
N THR B 78 2.34 1.91 14.71
CA THR B 78 2.04 2.65 15.62
CA THR B 78 1.60 3.00 15.38
C THR B 78 2.22 2.61 17.14
C THR B 78 1.90 3.09 16.88
N LEU B 79 2.22 1.43 17.77
N LEU B 79 1.56 2.05 17.63
CA LEU B 79 2.40 1.44 19.20
CA LEU B 79 1.82 2.05 19.07
C LEU B 79 3.83 1.22 19.62
C LEU B 79 3.30 1.90 19.41
N GLY B 80 4.72 0.92 18.68
N GLY B 80 4.10 1.58 18.41
CA GLY B 80 6.15 1.01 18.94
CA GLY B 80 5.55 1.55 18.56
C GLY B 80 6.64 2.45 18.99
C GLY B 80 6.08 2.98 18.60
N GLY B 81 7.96 2.62 19.06
N GLY B 81 7.40 3.11 18.70
CA GLY B 81 8.54 3.96 19.11
CA GLY B 81 8.02 4.42 18.73
C GLY B 81 9.12 4.39 17.78
C GLY B 81 8.54 4.84 17.36
#